data_5EFC
#
_entry.id   5EFC
#
_cell.length_a   40.515
_cell.length_b   46.930
_cell.length_c   87.952
_cell.angle_alpha   90.000
_cell.angle_beta   90.000
_cell.angle_gamma   90.000
#
_symmetry.space_group_name_H-M   'P 21 21 21'
#
loop_
_entity.id
_entity.type
_entity.pdbx_description
1 polymer 'Polymerase basic protein 2'
2 non-polymer "GUANOSINE-5'-TRIPHOSPHATE"
3 water water
#
_entity_poly.entity_id   1
_entity_poly.type   'polypeptide(L)'
_entity_poly.pdbx_seq_one_letter_code
;MKIRQRQRFGRLELKRISGRGFKNDEEILIGNGTIQKIGIWDGEEEFHVRCGECRGILKKSQMRMEKLLINSAKKEDMKD
LIILCMVFSQDTRMFQGVRGEINFLNRAGQLLSPMYQLQRYFLNRSNDLFDQWGYEESPKASELHGINELMNASDYTLKG
VVVTKNVDHHHHHH
;
_entity_poly.pdbx_strand_id   A
#
loop_
_chem_comp.id
_chem_comp.type
_chem_comp.name
_chem_comp.formula
GTP non-polymer GUANOSINE-5'-TRIPHOSPHATE 'C10 H16 N5 O14 P3'
#
# COMPACT_ATOMS: atom_id res chain seq x y z
N ARG A 6 6.40 -17.26 -3.80
CA ARG A 6 6.26 -15.88 -4.24
C ARG A 6 4.87 -15.59 -4.77
N GLN A 7 4.45 -14.33 -4.68
CA GLN A 7 3.07 -13.97 -4.97
C GLN A 7 2.91 -12.66 -5.75
N ARG A 8 1.72 -12.48 -6.29
CA ARG A 8 1.36 -11.36 -7.14
C ARG A 8 0.07 -10.74 -6.64
N PHE A 9 0.05 -9.42 -6.53
CA PHE A 9 -1.20 -8.72 -6.22
C PHE A 9 -1.34 -7.60 -7.23
N GLY A 10 -1.88 -7.93 -8.40
CA GLY A 10 -1.89 -7.00 -9.50
C GLY A 10 -0.46 -6.83 -9.94
N ARG A 11 -0.02 -5.60 -10.10
CA ARG A 11 1.35 -5.39 -10.54
C ARG A 11 2.34 -5.45 -9.36
N LEU A 12 1.84 -5.73 -8.16
CA LEU A 12 2.71 -5.87 -7.00
C LEU A 12 3.27 -7.28 -6.94
N GLU A 13 4.59 -7.39 -6.90
CA GLU A 13 5.25 -8.68 -6.76
C GLU A 13 5.83 -8.77 -5.36
N LEU A 14 5.54 -9.87 -4.66
CA LEU A 14 6.02 -10.03 -3.28
C LEU A 14 6.78 -11.34 -3.03
N LYS A 15 7.81 -11.25 -2.19
CA LYS A 15 8.51 -12.43 -1.71
C LYS A 15 8.64 -12.32 -0.19
N ARG A 16 8.20 -13.35 0.52
CA ARG A 16 8.16 -13.30 1.96
C ARG A 16 9.56 -13.25 2.56
N ILE A 17 9.72 -12.37 3.54
CA ILE A 17 10.99 -12.22 4.24
C ILE A 17 10.87 -12.90 5.59
N SER A 18 9.77 -12.64 6.29
CA SER A 18 9.61 -13.15 7.63
C SER A 18 8.15 -13.13 8.05
N GLY A 19 7.90 -13.73 9.21
CA GLY A 19 6.57 -13.78 9.78
C GLY A 19 5.64 -14.74 9.06
N ARG A 20 4.44 -14.88 9.63
CA ARG A 20 3.34 -15.67 9.07
C ARG A 20 2.05 -14.88 9.16
N GLY A 21 1.28 -14.90 8.07
CA GLY A 21 -0.05 -14.34 8.10
C GLY A 21 -1.09 -15.43 8.21
N PHE A 22 -2.15 -15.15 8.95
CA PHE A 22 -3.29 -16.06 9.06
C PHE A 22 -4.53 -15.29 8.67
N LYS A 23 -5.21 -15.77 7.64
CA LYS A 23 -6.35 -15.06 7.09
C LYS A 23 -7.64 -15.41 7.84
N ASN A 24 -8.41 -14.40 8.26
CA ASN A 24 -9.77 -14.62 8.76
C ASN A 24 -10.75 -13.80 7.94
N ASP A 25 -11.87 -14.39 7.52
CA ASP A 25 -12.91 -13.57 6.90
C ASP A 25 -13.49 -12.61 7.93
N GLU A 26 -13.51 -11.32 7.59
CA GLU A 26 -14.12 -10.31 8.48
C GLU A 26 -15.07 -9.45 7.65
N GLU A 27 -16.06 -8.85 8.30
CA GLU A 27 -16.86 -7.82 7.65
C GLU A 27 -16.24 -6.49 8.02
N ILE A 28 -15.85 -5.72 7.02
CA ILE A 28 -15.21 -4.44 7.23
C ILE A 28 -16.10 -3.32 6.75
N LEU A 29 -16.35 -2.34 7.62
CA LEU A 29 -17.08 -1.14 7.21
C LEU A 29 -16.11 -0.14 6.59
N ILE A 30 -16.13 0.00 5.27
CA ILE A 30 -15.10 0.85 4.65
C ILE A 30 -15.56 2.31 4.54
N GLY A 31 -14.68 3.15 4.01
CA GLY A 31 -14.91 4.57 4.05
C GLY A 31 -16.15 5.12 3.34
N ASN A 32 -16.74 4.35 2.43
CA ASN A 32 -17.90 4.85 1.70
C ASN A 32 -19.21 4.34 2.32
N GLY A 33 -19.09 3.76 3.51
CA GLY A 33 -20.25 3.38 4.30
C GLY A 33 -20.80 2.02 3.91
N THR A 34 -20.06 1.30 3.09
CA THR A 34 -20.50 -0.04 2.70
C THR A 34 -19.74 -1.10 3.50
N ILE A 35 -20.38 -2.23 3.72
CA ILE A 35 -19.72 -3.36 4.39
C ILE A 35 -19.14 -4.35 3.37
N GLN A 36 -17.86 -4.67 3.48
CA GLN A 36 -17.22 -5.60 2.55
C GLN A 36 -16.76 -6.85 3.28
N LYS A 37 -16.88 -8.00 2.64
CA LYS A 37 -16.32 -9.21 3.25
C LYS A 37 -14.93 -9.41 2.71
N ILE A 38 -13.96 -9.49 3.61
CA ILE A 38 -12.55 -9.50 3.24
C ILE A 38 -11.79 -10.46 4.13
N GLY A 39 -10.94 -11.27 3.52
CA GLY A 39 -10.07 -12.13 4.30
C GLY A 39 -9.03 -11.21 4.90
N ILE A 40 -9.10 -10.95 6.19
CA ILE A 40 -8.13 -10.06 6.82
C ILE A 40 -6.95 -10.85 7.38
N TRP A 41 -5.76 -10.49 6.95
CA TRP A 41 -4.56 -11.19 7.40
C TRP A 41 -4.14 -10.68 8.77
N ASP A 42 -3.91 -11.62 9.69
CA ASP A 42 -3.46 -11.28 11.03
C ASP A 42 -2.00 -11.68 11.20
N GLY A 43 -1.23 -10.87 11.91
CA GLY A 43 0.14 -11.23 12.23
C GLY A 43 1.17 -10.32 11.61
N GLU A 44 2.37 -10.32 12.18
CA GLU A 44 3.49 -9.55 11.65
C GLU A 44 4.08 -10.25 10.42
N GLU A 45 4.32 -9.50 9.35
CA GLU A 45 4.88 -10.08 8.14
C GLU A 45 5.83 -9.09 7.50
N GLU A 46 6.87 -9.59 6.87
CA GLU A 46 7.74 -8.76 6.04
C GLU A 46 7.90 -9.36 4.66
N PHE A 47 7.89 -8.49 3.65
CA PHE A 47 7.96 -8.91 2.25
C PHE A 47 8.98 -8.09 1.49
N HIS A 48 9.77 -8.73 0.64
CA HIS A 48 10.41 -8.00 -0.47
C HIS A 48 9.26 -7.63 -1.40
N VAL A 49 9.22 -6.38 -1.85
CA VAL A 49 8.18 -5.96 -2.77
C VAL A 49 8.77 -5.31 -4.01
N ARG A 50 8.12 -5.54 -5.14
CA ARG A 50 8.53 -4.87 -6.37
C ARG A 50 7.33 -4.43 -7.21
N CYS A 51 7.46 -3.26 -7.82
CA CYS A 51 6.52 -2.84 -8.84
C CYS A 51 7.34 -2.18 -9.94
N GLY A 52 7.40 -2.84 -11.09
CA GLY A 52 8.25 -2.39 -12.19
C GLY A 52 9.68 -2.24 -11.72
N GLU A 53 10.24 -1.05 -11.89
CA GLU A 53 11.65 -0.82 -11.55
C GLU A 53 11.87 -0.41 -10.09
N CYS A 54 10.79 -0.31 -9.31
CA CYS A 54 10.93 0.06 -7.90
C CYS A 54 10.89 -1.18 -7.01
N ARG A 55 11.86 -1.30 -6.10
CA ARG A 55 11.93 -2.41 -5.16
C ARG A 55 11.92 -1.92 -3.73
N GLY A 56 11.39 -2.72 -2.82
CA GLY A 56 11.44 -2.34 -1.43
C GLY A 56 11.22 -3.42 -0.39
N ILE A 57 11.19 -3.00 0.87
CA ILE A 57 10.88 -3.87 1.97
C ILE A 57 9.60 -3.38 2.63
N LEU A 58 8.63 -4.29 2.78
CA LEU A 58 7.36 -3.96 3.40
C LEU A 58 7.24 -4.67 4.76
N LYS A 59 6.96 -3.92 5.82
CA LYS A 59 6.66 -4.51 7.12
C LYS A 59 5.22 -4.17 7.47
N LYS A 60 4.46 -5.16 7.88
CA LYS A 60 3.02 -4.98 8.13
C LYS A 60 2.57 -5.81 9.32
N SER A 61 1.45 -5.42 9.91
CA SER A 61 0.76 -6.27 10.88
C SER A 61 -0.74 -6.18 10.57
N GLN A 62 -1.60 -6.68 11.44
CA GLN A 62 -3.02 -6.73 11.10
C GLN A 62 -3.56 -5.36 10.76
N MET A 63 -4.05 -5.23 9.53
CA MET A 63 -4.60 -3.98 9.01
C MET A 63 -3.71 -2.78 9.25
N ARG A 64 -2.41 -2.98 9.10
CA ARG A 64 -1.48 -1.90 9.40
C ARG A 64 -0.20 -2.00 8.62
N MET A 65 0.06 -0.98 7.79
CA MET A 65 1.38 -0.92 7.19
C MET A 65 2.27 -0.21 8.20
N GLU A 66 3.28 -0.93 8.69
CA GLU A 66 4.17 -0.43 9.73
C GLU A 66 5.32 0.39 9.16
N LYS A 67 5.91 -0.12 8.08
CA LYS A 67 7.07 0.54 7.47
C LYS A 67 7.21 0.11 6.03
N LEU A 68 7.58 1.05 5.17
CA LEU A 68 7.84 0.75 3.76
C LEU A 68 9.11 1.48 3.34
N LEU A 69 10.13 0.70 3.03
CA LEU A 69 11.41 1.22 2.59
C LEU A 69 11.54 0.92 1.11
N ILE A 70 11.73 1.94 0.29
CA ILE A 70 11.86 1.69 -1.14
C ILE A 70 13.09 2.40 -1.69
N ASN A 71 13.49 2.02 -2.90
CA ASN A 71 14.56 2.69 -3.59
C ASN A 71 14.00 3.77 -4.54
N SER A 72 14.86 4.70 -4.94
CA SER A 72 14.48 5.68 -5.95
C SER A 72 14.32 4.97 -7.28
N ALA A 73 13.32 5.38 -8.04
CA ALA A 73 13.03 4.76 -9.33
C ALA A 73 12.14 5.70 -10.10
N LYS A 74 11.73 5.27 -11.29
CA LYS A 74 10.72 5.98 -12.06
C LYS A 74 9.57 6.34 -11.12
N LYS A 75 9.10 7.57 -11.18
CA LYS A 75 8.11 8.04 -10.23
C LYS A 75 6.81 7.25 -10.28
N GLU A 76 6.40 6.85 -11.48
CA GLU A 76 5.14 6.15 -11.63
C GLU A 76 5.23 4.76 -10.98
N ASP A 77 6.42 4.16 -11.00
CA ASP A 77 6.64 2.88 -10.35
C ASP A 77 6.70 3.03 -8.83
N MET A 78 7.37 4.08 -8.36
CA MET A 78 7.43 4.38 -6.93
C MET A 78 6.03 4.56 -6.35
N LYS A 79 5.25 5.43 -6.98
CA LYS A 79 3.89 5.73 -6.52
C LYS A 79 3.00 4.48 -6.53
N ASP A 80 3.05 3.71 -7.62
CA ASP A 80 2.23 2.49 -7.69
C ASP A 80 2.66 1.46 -6.63
N LEU A 81 3.96 1.35 -6.40
CA LEU A 81 4.44 0.44 -5.35
C LEU A 81 3.91 0.82 -3.98
N ILE A 82 3.96 2.11 -3.67
CA ILE A 82 3.47 2.60 -2.38
C ILE A 82 1.98 2.34 -2.21
N ILE A 83 1.21 2.69 -3.23
CA ILE A 83 -0.23 2.43 -3.20
C ILE A 83 -0.55 0.95 -3.08
N LEU A 84 0.05 0.13 -3.93
CA LEU A 84 -0.21 -1.30 -3.88
C LEU A 84 0.17 -1.89 -2.51
N CYS A 85 1.23 -1.36 -1.91
CA CYS A 85 1.61 -1.81 -0.56
C CYS A 85 0.59 -1.35 0.48
N MET A 86 0.11 -0.13 0.36
CA MET A 86 -0.93 0.36 1.28
C MET A 86 -2.19 -0.50 1.21
N VAL A 87 -2.57 -0.87 -0.01
CA VAL A 87 -3.75 -1.69 -0.20
C VAL A 87 -3.49 -3.11 0.30
N PHE A 88 -2.35 -3.67 -0.09
CA PHE A 88 -2.01 -5.04 0.29
C PHE A 88 -1.93 -5.24 1.82
N SER A 89 -1.45 -4.23 2.53
CA SER A 89 -1.33 -4.29 3.98
CA SER A 89 -1.32 -4.30 3.98
C SER A 89 -2.68 -4.23 4.68
N GLN A 90 -3.72 -3.90 3.91
CA GLN A 90 -5.10 -3.76 4.40
C GLN A 90 -5.16 -2.72 5.50
N ASP A 91 -4.39 -1.65 5.33
CA ASP A 91 -4.32 -0.61 6.34
C ASP A 91 -5.67 0.06 6.55
N THR A 92 -6.05 0.28 7.82
CA THR A 92 -7.35 0.87 8.14
C THR A 92 -7.53 2.24 7.49
N ARG A 93 -6.43 2.97 7.32
CA ARG A 93 -6.43 4.28 6.67
C ARG A 93 -6.81 4.12 5.21
N MET A 94 -6.35 3.04 4.60
CA MET A 94 -6.69 2.74 3.22
C MET A 94 -8.19 2.40 3.13
N PHE A 95 -8.69 1.53 4.00
CA PHE A 95 -10.12 1.25 4.02
C PHE A 95 -10.96 2.52 4.20
N GLN A 96 -10.53 3.41 5.09
CA GLN A 96 -11.27 4.64 5.36
C GLN A 96 -11.17 5.67 4.22
N GLY A 97 -10.22 5.49 3.33
CA GLY A 97 -10.02 6.44 2.25
C GLY A 97 -11.00 6.31 1.10
N VAL A 98 -11.80 5.26 1.07
CA VAL A 98 -12.74 5.06 -0.03
C VAL A 98 -13.90 6.05 0.09
N ARG A 99 -14.12 6.82 -0.97
CA ARG A 99 -15.21 7.79 -1.02
C ARG A 99 -16.25 7.36 -2.04
N GLY A 100 -15.77 7.05 -3.24
CA GLY A 100 -16.64 6.64 -4.30
C GLY A 100 -17.13 5.22 -4.11
N GLU A 101 -17.76 4.67 -5.13
CA GLU A 101 -18.20 3.29 -5.12
C GLU A 101 -17.06 2.41 -5.59
N ILE A 102 -16.98 1.20 -5.05
CA ILE A 102 -16.03 0.22 -5.56
C ILE A 102 -16.85 -0.88 -6.22
N ASN A 103 -17.34 -0.57 -7.40
CA ASN A 103 -18.19 -1.45 -8.19
C ASN A 103 -17.63 -1.72 -9.60
N PHE A 104 -16.31 -1.78 -9.74
CA PHE A 104 -15.70 -2.08 -11.05
C PHE A 104 -16.11 -3.46 -11.53
N LEU A 105 -16.47 -3.56 -12.81
CA LEU A 105 -16.67 -4.84 -13.48
C LEU A 105 -15.40 -5.31 -14.21
N ASN A 106 -15.15 -6.61 -14.20
CA ASN A 106 -14.04 -7.15 -14.97
C ASN A 106 -14.49 -7.38 -16.41
N ARG A 107 -13.56 -7.78 -17.27
CA ARG A 107 -13.87 -8.00 -18.69
C ARG A 107 -14.91 -9.09 -18.90
N ALA A 108 -15.47 -9.60 -17.81
CA ALA A 108 -16.40 -10.72 -17.84
C ALA A 108 -17.79 -10.38 -17.32
N GLY A 109 -17.97 -9.15 -16.85
CA GLY A 109 -19.27 -8.70 -16.35
C GLY A 109 -19.47 -8.88 -14.86
N GLN A 110 -18.47 -9.44 -14.19
CA GLN A 110 -18.52 -9.64 -12.73
C GLN A 110 -17.85 -8.52 -11.96
N LEU A 111 -18.30 -8.31 -10.74
CA LEU A 111 -17.60 -7.43 -9.81
C LEU A 111 -16.27 -8.05 -9.41
N LEU A 112 -15.22 -7.24 -9.48
CA LEU A 112 -13.94 -7.60 -8.88
C LEU A 112 -14.16 -7.90 -7.39
N SER A 113 -13.33 -8.75 -6.81
CA SER A 113 -13.39 -9.03 -5.38
C SER A 113 -12.92 -7.78 -4.63
N PRO A 114 -13.31 -7.62 -3.35
CA PRO A 114 -13.02 -6.37 -2.63
C PRO A 114 -11.57 -5.87 -2.68
N MET A 115 -10.60 -6.74 -2.42
CA MET A 115 -9.21 -6.29 -2.42
C MET A 115 -8.80 -5.77 -3.81
N TYR A 116 -9.33 -6.40 -4.86
CA TYR A 116 -9.00 -5.95 -6.21
C TYR A 116 -9.75 -4.68 -6.61
N GLN A 117 -10.95 -4.49 -6.06
CA GLN A 117 -11.66 -3.21 -6.17
C GLN A 117 -10.81 -2.09 -5.59
N LEU A 118 -10.25 -2.35 -4.42
CA LEU A 118 -9.52 -1.34 -3.65
C LEU A 118 -8.24 -0.98 -4.37
N GLN A 119 -7.56 -2.00 -4.90
CA GLN A 119 -6.36 -1.78 -5.69
C GLN A 119 -6.65 -0.91 -6.93
N ARG A 120 -7.69 -1.28 -7.66
CA ARG A 120 -8.09 -0.53 -8.84
C ARG A 120 -8.50 0.89 -8.45
N TYR A 121 -9.30 0.99 -7.40
CA TYR A 121 -9.78 2.30 -6.93
C TYR A 121 -8.64 3.27 -6.61
N PHE A 122 -7.69 2.84 -5.79
CA PHE A 122 -6.69 3.80 -5.32
C PHE A 122 -5.58 4.03 -6.34
N LEU A 123 -5.35 3.09 -7.25
CA LEU A 123 -4.40 3.38 -8.32
C LEU A 123 -4.96 4.48 -9.19
N ASN A 124 -6.30 4.54 -9.25
CA ASN A 124 -7.06 5.58 -9.97
C ASN A 124 -7.24 6.88 -9.20
N ARG A 125 -7.24 6.79 -7.88
CA ARG A 125 -7.54 7.94 -7.04
C ARG A 125 -6.58 7.97 -5.87
N SER A 126 -5.29 8.10 -6.17
CA SER A 126 -4.25 8.05 -5.14
C SER A 126 -4.38 9.20 -4.11
N ASN A 127 -5.01 10.30 -4.51
CA ASN A 127 -5.16 11.40 -3.57
C ASN A 127 -6.11 11.06 -2.42
N ASP A 128 -7.12 10.24 -2.70
CA ASP A 128 -8.06 9.78 -1.67
C ASP A 128 -7.32 8.97 -0.62
N LEU A 129 -6.31 8.23 -1.05
CA LEU A 129 -5.48 7.45 -0.15
C LEU A 129 -4.50 8.34 0.63
N PHE A 130 -3.76 9.16 -0.10
CA PHE A 130 -2.67 9.94 0.50
C PHE A 130 -3.22 11.00 1.45
N ASP A 131 -4.33 11.64 1.09
CA ASP A 131 -4.96 12.62 1.99
C ASP A 131 -5.38 11.95 3.30
N GLN A 132 -5.86 10.72 3.21
CA GLN A 132 -6.31 10.00 4.40
C GLN A 132 -5.11 9.49 5.20
N TRP A 133 -4.04 9.16 4.49
CA TRP A 133 -2.87 8.52 5.09
C TRP A 133 -2.13 9.45 6.05
N GLY A 134 -1.88 10.68 5.62
CA GLY A 134 -1.21 11.65 6.47
C GLY A 134 0.29 11.74 6.28
N TYR A 135 0.85 12.86 6.76
CA TYR A 135 2.29 13.14 6.66
C TYR A 135 2.88 13.31 8.04
N GLU A 136 4.16 12.94 8.18
CA GLU A 136 4.91 13.06 9.42
C GLU A 136 6.29 13.59 9.09
N GLU A 137 7.03 14.05 10.10
CA GLU A 137 8.40 14.51 9.86
C GLU A 137 9.22 13.39 9.23
N SER A 138 10.04 13.74 8.25
CA SER A 138 10.90 12.77 7.59
C SER A 138 11.93 12.21 8.55
N PRO A 139 12.32 10.94 8.37
CA PRO A 139 13.44 10.43 9.15
C PRO A 139 14.69 11.26 8.84
N LYS A 140 15.59 11.39 9.80
CA LYS A 140 16.79 12.16 9.56
C LYS A 140 18.02 11.27 9.64
N ALA A 141 17.78 9.95 9.80
CA ALA A 141 18.82 8.95 9.65
C ALA A 141 19.48 9.13 8.28
N SER A 142 20.81 9.13 8.28
CA SER A 142 21.61 9.52 7.14
C SER A 142 21.23 8.89 5.79
N GLU A 143 20.85 7.62 5.80
CA GLU A 143 20.66 6.89 4.55
C GLU A 143 19.24 6.93 4.01
N LEU A 144 18.34 7.54 4.75
CA LEU A 144 16.94 7.53 4.39
C LEU A 144 16.46 8.96 4.17
N HIS A 145 15.49 9.12 3.28
CA HIS A 145 14.80 10.41 3.23
C HIS A 145 13.31 10.18 3.07
N GLY A 146 12.57 11.24 3.32
CA GLY A 146 11.12 11.17 3.25
C GLY A 146 10.68 11.44 1.84
N ILE A 147 9.44 11.07 1.55
CA ILE A 147 8.90 11.18 0.21
C ILE A 147 7.49 11.76 0.28
N ASN A 148 7.20 12.76 -0.56
CA ASN A 148 5.84 13.32 -0.58
C ASN A 148 5.04 12.72 -1.70
N GLU A 149 3.81 13.20 -1.88
CA GLU A 149 2.88 12.57 -2.82
C GLU A 149 3.34 12.74 -4.28
N LEU A 150 4.31 13.61 -4.49
CA LEU A 150 4.87 13.81 -5.83
C LEU A 150 6.04 12.88 -6.07
N MET A 151 6.33 12.04 -5.08
CA MET A 151 7.49 11.12 -5.09
C MET A 151 8.79 11.92 -5.08
N ASN A 152 8.73 13.14 -4.53
CA ASN A 152 9.93 13.93 -4.33
C ASN A 152 10.47 13.76 -2.93
N ALA A 153 11.78 13.80 -2.79
CA ALA A 153 12.38 13.87 -1.47
C ALA A 153 11.88 15.13 -0.80
N SER A 154 11.49 15.02 0.48
CA SER A 154 11.10 16.22 1.22
C SER A 154 11.27 16.04 2.72
N ASP A 155 11.02 17.13 3.44
CA ASP A 155 11.14 17.19 4.89
C ASP A 155 9.95 16.52 5.59
N TYR A 156 8.88 16.32 4.84
CA TYR A 156 7.73 15.56 5.33
C TYR A 156 7.55 14.32 4.47
N THR A 157 7.00 13.26 5.05
CA THR A 157 6.88 12.02 4.31
C THR A 157 5.52 11.38 4.59
N LEU A 158 5.01 10.65 3.61
CA LEU A 158 3.86 9.79 3.85
C LEU A 158 4.21 8.91 5.04
N LYS A 159 3.35 8.86 6.05
CA LYS A 159 3.68 8.13 7.27
C LYS A 159 4.14 6.70 7.00
N GLY A 160 5.33 6.36 7.50
CA GLY A 160 5.82 4.98 7.44
C GLY A 160 6.61 4.64 6.20
N VAL A 161 6.68 5.58 5.27
CA VAL A 161 7.41 5.38 4.02
C VAL A 161 8.75 6.11 4.06
N VAL A 162 9.82 5.41 3.70
CA VAL A 162 11.13 6.05 3.52
C VAL A 162 11.80 5.57 2.24
N VAL A 163 12.73 6.35 1.71
CA VAL A 163 13.42 6.03 0.48
C VAL A 163 14.95 6.00 0.70
N THR A 164 15.62 5.01 0.13
CA THR A 164 17.09 4.95 0.16
C THR A 164 17.68 5.77 -0.97
N LYS A 165 18.81 6.43 -0.70
CA LYS A 165 19.51 7.18 -1.74
C LYS A 165 20.36 6.23 -2.60
N ASN A 166 20.46 6.54 -3.88
CA ASN A 166 21.28 5.75 -4.79
C ASN A 166 22.73 6.15 -4.65
N VAL A 167 23.48 5.45 -3.80
CA VAL A 167 24.87 5.83 -3.48
C VAL A 167 25.85 4.75 -3.91
N ASP A 168 26.97 5.18 -4.49
CA ASP A 168 28.05 4.26 -4.85
C ASP A 168 29.09 4.19 -3.74
PG GTP B . -5.93 -13.96 -5.50
O1G GTP B . -4.87 -15.04 -5.49
O2G GTP B . -6.66 -13.91 -6.84
O3G GTP B . -5.28 -12.62 -5.27
O3B GTP B . -7.01 -14.21 -4.33
PB GTP B . -7.41 -15.68 -3.82
O1B GTP B . -7.95 -16.49 -4.98
O2B GTP B . -8.44 -15.59 -2.72
O3A GTP B . -6.07 -16.40 -3.25
PA GTP B . -5.18 -15.90 -1.99
O1A GTP B . -3.75 -16.34 -2.21
O2A GTP B . -5.70 -16.45 -0.69
O5' GTP B . -5.21 -14.29 -1.98
C5' GTP B . -6.12 -13.51 -1.23
C4' GTP B . -5.53 -12.12 -1.00
O4' GTP B . -4.62 -12.18 0.08
C3' GTP B . -4.75 -11.60 -2.19
O3' GTP B . -5.01 -10.22 -2.33
C2' GTP B . -3.29 -11.75 -1.82
O2' GTP B . -2.56 -10.65 -2.29
C1' GTP B . -3.31 -11.77 -0.30
N9 GTP B . -2.34 -12.70 0.30
C8 GTP B . -1.96 -13.94 -0.13
N7 GTP B . -1.05 -14.45 0.74
C5 GTP B . -0.84 -13.54 1.72
C6 GTP B . -0.02 -13.55 2.84
O6 GTP B . 0.69 -14.51 3.09
N1 GTP B . -0.04 -12.44 3.68
C2 GTP B . -0.85 -11.37 3.40
N2 GTP B . -0.87 -10.31 4.20
N3 GTP B . -1.65 -11.37 2.29
C4 GTP B . -1.65 -12.45 1.46
#